data_4XUK
#
_entry.id   4XUK
#
_cell.length_a   76.812
_cell.length_b   82.735
_cell.length_c   99.767
_cell.angle_alpha   90.000
_cell.angle_beta   90.000
_cell.angle_gamma   90.000
#
_symmetry.space_group_name_H-M   'P 21 21 21'
#
loop_
_entity.id
_entity.type
_entity.pdbx_description
1 polymer 'Putative hydrolase'
2 non-polymer 'ZINC ION'
3 water water
#
_entity_poly.entity_id   1
_entity_poly.type   'polypeptide(L)'
_entity_poly.pdbx_seq_one_letter_code
;KQVAGYYQYQAGDVQITALLDGTNFMSPNLFKDIPQQQVHEILKKYYADQEKGVQTSINAFLVNIGKSLILIDSGAASCF
GSHLGSVLSNLKASGYQPEQVDTILLTHLHPDHVCGISKDGVANFPNATVYVSNDEASFWLDPKQAAKLPKEKQANYLGT
VEKIKQAIAPYQAKQRFKTYKLGDDIQGFKVINTAGHTPGHFSYELKTKGESIVFIGDIVHSHTVQFDRPETAIEYDIDP
KKAVETRLKQFANFAKNGQTIAAPHLPFPGIGHTYSADGKSYQWIPIHFKD
;
_entity_poly.pdbx_strand_id   A,B
#
# COMPACT_ATOMS: atom_id res chain seq x y z
N LYS A 1 1.05 15.03 10.56
CA LYS A 1 0.93 13.72 11.17
C LYS A 1 1.34 12.63 10.16
N GLN A 2 1.09 12.85 8.87
CA GLN A 2 1.24 11.77 7.89
C GLN A 2 2.68 11.33 7.64
N VAL A 3 2.87 10.03 7.43
CA VAL A 3 4.20 9.50 7.13
C VAL A 3 4.79 10.17 5.88
N ALA A 4 6.11 10.28 5.83
CA ALA A 4 6.78 10.82 4.63
C ALA A 4 6.53 9.89 3.45
N GLY A 5 6.46 10.48 2.27
CA GLY A 5 6.18 9.72 1.07
C GLY A 5 7.42 9.16 0.41
N TYR A 6 8.10 8.25 1.11
CA TYR A 6 9.14 7.47 0.45
C TYR A 6 8.96 6.04 0.89
N TYR A 7 9.44 5.11 0.07
CA TYR A 7 9.39 3.69 0.41
C TYR A 7 10.58 3.01 -0.24
N GLN A 8 11.21 2.10 0.49
CA GLN A 8 12.40 1.43 -0.03
C GLN A 8 12.06 0.02 -0.50
N TYR A 9 12.26 -0.24 -1.79
CA TYR A 9 12.07 -1.57 -2.36
C TYR A 9 13.42 -2.17 -2.72
N GLN A 10 13.71 -3.37 -2.20
CA GLN A 10 15.00 -3.99 -2.46
C GLN A 10 14.89 -5.05 -3.56
N ALA A 11 15.74 -4.91 -4.58
CA ALA A 11 15.80 -5.89 -5.65
C ALA A 11 17.22 -6.43 -5.71
N GLY A 12 17.50 -7.42 -4.88
CA GLY A 12 18.84 -7.98 -4.81
C GLY A 12 19.81 -6.93 -4.30
N ASP A 13 20.80 -6.60 -5.12
CA ASP A 13 21.79 -5.58 -4.75
C ASP A 13 21.33 -4.15 -5.02
N VAL A 14 20.12 -3.99 -5.52
CA VAL A 14 19.66 -2.66 -5.93
C VAL A 14 18.55 -2.18 -5.01
N GLN A 15 18.63 -0.92 -4.60
CA GLN A 15 17.56 -0.33 -3.81
C GLN A 15 16.84 0.68 -4.68
N ILE A 16 15.53 0.52 -4.79
CA ILE A 16 14.69 1.48 -5.49
C ILE A 16 13.86 2.21 -4.44
N THR A 17 13.91 3.54 -4.46
CA THR A 17 13.12 4.34 -3.54
C THR A 17 11.96 4.98 -4.26
N ALA A 18 10.74 4.62 -3.87
CA ALA A 18 9.55 5.28 -4.42
C ALA A 18 9.44 6.64 -3.75
N LEU A 19 9.19 7.67 -4.55
CA LEU A 19 9.06 9.03 -4.03
C LEU A 19 7.74 9.65 -4.47
N LEU A 20 6.99 10.17 -3.50
CA LEU A 20 5.67 10.77 -3.78
C LEU A 20 5.81 12.25 -4.10
N ASP A 21 5.18 12.68 -5.19
CA ASP A 21 5.16 14.09 -5.54
C ASP A 21 3.89 14.75 -5.03
N GLY A 22 2.81 13.97 -4.96
CA GLY A 22 1.52 14.52 -4.58
C GLY A 22 0.42 13.66 -5.14
N THR A 23 -0.83 14.09 -4.93
CA THR A 23 -1.99 13.32 -5.32
C THR A 23 -2.98 14.21 -6.07
N ASN A 24 -3.40 13.78 -7.25
CA ASN A 24 -4.47 14.45 -7.93
C ASN A 24 -5.81 13.78 -7.79
N PHE A 25 -6.87 14.54 -8.06
CA PHE A 25 -8.22 13.96 -8.11
C PHE A 25 -8.87 14.35 -9.44
N MET A 26 -8.73 13.49 -10.44
CA MET A 26 -9.15 13.85 -11.79
C MET A 26 -10.61 13.48 -12.09
N SER A 27 -11.19 14.15 -13.08
CA SER A 27 -12.56 13.86 -13.47
C SER A 27 -12.69 12.46 -14.04
N PRO A 28 -13.73 11.71 -13.65
CA PRO A 28 -13.98 10.42 -14.33
C PRO A 28 -14.24 10.61 -15.82
N ASN A 29 -14.62 11.82 -16.23
CA ASN A 29 -14.83 12.11 -17.65
C ASN A 29 -13.55 12.03 -18.48
N LEU A 30 -12.40 12.01 -17.84
CA LEU A 30 -11.14 11.93 -18.59
C LEU A 30 -10.95 10.55 -19.22
N PHE A 31 -11.66 9.55 -18.70
CA PHE A 31 -11.62 8.23 -19.31
C PHE A 31 -12.43 8.26 -20.60
N LYS A 32 -11.85 7.82 -21.69
CA LYS A 32 -12.39 7.99 -23.02
C LYS A 32 -13.13 6.80 -23.56
N ASP A 33 -14.17 7.07 -24.31
CA ASP A 33 -14.90 6.04 -25.03
C ASP A 33 -15.30 4.84 -24.15
N ILE A 34 -15.80 5.15 -23.00
CA ILE A 34 -16.38 4.16 -22.11
C ILE A 34 -17.55 4.86 -21.44
N PRO A 35 -18.70 4.19 -21.38
CA PRO A 35 -19.86 4.83 -20.75
C PRO A 35 -19.51 5.19 -19.32
N GLN A 36 -19.85 6.42 -18.91
CA GLN A 36 -19.53 6.89 -17.57
C GLN A 36 -20.13 5.99 -16.49
N GLN A 37 -21.26 5.37 -16.78
CA GLN A 37 -21.86 4.44 -15.82
C GLN A 37 -20.93 3.27 -15.51
N GLN A 38 -20.23 2.76 -16.53
CA GLN A 38 -19.31 1.63 -16.33
C GLN A 38 -18.04 2.09 -15.62
N VAL A 39 -17.62 3.32 -15.90
CA VAL A 39 -16.52 3.93 -15.16
C VAL A 39 -16.89 3.95 -13.68
N HIS A 40 -18.09 4.42 -13.36
CA HIS A 40 -18.51 4.48 -11.96
C HIS A 40 -18.67 3.09 -11.32
N GLU A 41 -19.14 2.13 -12.10
CA GLU A 41 -19.17 0.73 -11.64
C GLU A 41 -17.77 0.25 -11.23
N ILE A 42 -16.79 0.45 -12.10
CA ILE A 42 -15.43 0.01 -11.80
C ILE A 42 -14.87 0.74 -10.57
N LEU A 43 -15.08 2.05 -10.50
CA LEU A 43 -14.60 2.82 -9.35
C LEU A 43 -15.25 2.35 -8.02
N LYS A 44 -16.51 1.98 -8.07
CA LYS A 44 -17.19 1.49 -6.88
C LYS A 44 -16.63 0.15 -6.41
N LYS A 45 -16.26 -0.72 -7.35
CA LYS A 45 -15.64 -1.99 -6.99
C LYS A 45 -14.35 -1.75 -6.20
N TYR A 46 -13.60 -0.73 -6.60
CA TYR A 46 -12.32 -0.45 -5.96
C TYR A 46 -12.45 0.59 -4.86
N TYR A 47 -13.68 0.87 -4.44
CA TYR A 47 -13.94 1.86 -3.40
C TYR A 47 -13.18 3.16 -3.67
N ALA A 48 -13.40 3.70 -4.86
CA ALA A 48 -12.65 4.83 -5.39
C ALA A 48 -13.58 5.80 -6.09
N ASP A 49 -14.86 5.71 -5.78
CA ASP A 49 -15.90 6.49 -6.42
C ASP A 49 -16.23 7.78 -5.67
N GLN A 50 -15.21 8.51 -5.24
CA GLN A 50 -15.40 9.70 -4.42
C GLN A 50 -15.76 10.94 -5.28
N GLU A 51 -16.72 11.72 -4.85
CA GLU A 51 -17.15 12.87 -5.63
C GLU A 51 -16.00 13.83 -5.89
N LYS A 52 -15.02 13.87 -5.03
CA LYS A 52 -13.84 14.72 -5.21
C LYS A 52 -13.13 14.43 -6.55
N GLY A 53 -13.17 13.18 -6.98
CA GLY A 53 -12.56 12.79 -8.24
C GLY A 53 -11.82 11.47 -8.13
N VAL A 54 -11.16 11.06 -9.21
CA VAL A 54 -10.44 9.79 -9.21
C VAL A 54 -9.03 10.01 -8.67
N GLN A 55 -8.78 9.51 -7.46
CA GLN A 55 -7.50 9.73 -6.80
C GLN A 55 -6.37 9.12 -7.62
N THR A 56 -5.33 9.91 -7.88
CA THR A 56 -4.24 9.47 -8.75
C THR A 56 -2.91 9.97 -8.20
N SER A 57 -2.04 9.04 -7.81
CA SER A 57 -0.73 9.42 -7.32
C SER A 57 0.14 9.96 -8.46
N ILE A 58 1.12 10.77 -8.08
CA ILE A 58 2.19 11.15 -8.98
C ILE A 58 3.46 10.76 -8.25
N ASN A 59 4.18 9.78 -8.79
CA ASN A 59 5.39 9.27 -8.16
C ASN A 59 6.65 9.49 -9.03
N ALA A 60 7.82 9.41 -8.39
CA ALA A 60 9.09 9.30 -9.09
C ALA A 60 9.88 8.19 -8.40
N PHE A 61 10.97 7.73 -9.02
CA PHE A 61 11.76 6.62 -8.46
C PHE A 61 13.25 6.87 -8.48
N LEU A 62 13.89 6.63 -7.33
CA LEU A 62 15.36 6.64 -7.19
C LEU A 62 15.88 5.22 -7.27
N VAL A 63 16.93 5.01 -8.06
CA VAL A 63 17.52 3.69 -8.19
C VAL A 63 19.00 3.74 -7.82
N ASN A 64 19.34 3.10 -6.72
CA ASN A 64 20.72 2.99 -6.26
C ASN A 64 21.31 1.68 -6.80
N ILE A 65 22.15 1.77 -7.82
CA ILE A 65 22.75 0.56 -8.39
C ILE A 65 24.17 0.33 -7.86
N GLY A 66 24.53 1.01 -6.78
CA GLY A 66 25.83 0.80 -6.15
C GLY A 66 26.77 1.98 -6.35
N LYS A 67 27.29 2.12 -7.56
CA LYS A 67 28.19 3.22 -7.86
C LYS A 67 27.44 4.46 -8.33
N SER A 68 26.20 4.26 -8.77
CA SER A 68 25.38 5.34 -9.27
C SER A 68 24.01 5.39 -8.63
N LEU A 69 23.44 6.59 -8.61
CA LEU A 69 22.11 6.83 -8.13
C LEU A 69 21.35 7.48 -9.27
N ILE A 70 20.32 6.81 -9.74
CA ILE A 70 19.61 7.33 -10.88
C ILE A 70 18.14 7.64 -10.56
N LEU A 71 17.67 8.80 -11.01
CA LEU A 71 16.30 9.25 -10.74
C LEU A 71 15.45 9.07 -12.00
N ILE A 72 14.29 8.44 -11.84
CA ILE A 72 13.42 8.17 -12.99
C ILE A 72 12.13 8.95 -12.87
N ASP A 73 12.04 10.03 -13.65
CA ASP A 73 11.06 11.11 -13.48
C ASP A 73 11.30 11.89 -12.17
N SER A 74 10.65 13.04 -12.00
CA SER A 74 11.02 13.92 -10.89
C SER A 74 9.86 14.69 -10.27
N GLY A 75 8.65 14.40 -10.73
CA GLY A 75 7.50 15.12 -10.23
C GLY A 75 7.37 16.48 -10.90
N ALA A 76 6.48 17.31 -10.37
CA ALA A 76 6.02 18.51 -11.09
C ALA A 76 6.60 19.82 -10.59
N ALA A 77 7.42 19.76 -9.55
CA ALA A 77 7.85 20.97 -8.85
C ALA A 77 6.63 21.88 -8.64
N SER A 78 6.73 23.12 -9.10
CA SER A 78 5.66 24.11 -9.03
C SER A 78 4.86 24.31 -10.32
N CYS A 79 5.03 23.45 -11.31
CA CYS A 79 4.46 23.64 -12.63
C CYS A 79 2.94 23.41 -12.66
N PHE A 80 2.40 22.73 -11.65
CA PHE A 80 0.98 22.40 -11.63
C PHE A 80 0.31 22.82 -10.35
N GLY A 81 0.92 23.76 -9.64
CA GLY A 81 0.30 24.23 -8.41
C GLY A 81 0.75 23.56 -7.14
N SER A 82 0.37 24.20 -6.03
CA SER A 82 0.90 23.97 -4.70
C SER A 82 0.81 22.55 -4.15
N HIS A 83 -0.13 21.74 -4.64
CA HIS A 83 -0.34 20.42 -4.03
C HIS A 83 0.66 19.35 -4.47
N LEU A 84 1.41 19.60 -5.54
CA LEU A 84 2.44 18.67 -5.99
C LEU A 84 3.83 19.22 -5.68
N GLY A 85 4.88 18.53 -6.11
CA GLY A 85 6.24 19.02 -5.93
C GLY A 85 6.98 18.43 -4.74
N SER A 86 6.41 17.39 -4.12
CA SER A 86 7.02 16.79 -2.93
C SER A 86 8.22 15.88 -3.19
N VAL A 87 8.53 15.58 -4.46
CA VAL A 87 9.57 14.59 -4.77
C VAL A 87 10.89 14.88 -4.07
N LEU A 88 11.36 16.11 -4.14
CA LEU A 88 12.68 16.44 -3.56
C LEU A 88 12.67 16.33 -2.03
N SER A 89 11.57 16.77 -1.42
CA SER A 89 11.46 16.73 0.02
C SER A 89 11.48 15.29 0.51
N ASN A 90 10.84 14.39 -0.23
CA ASN A 90 10.84 12.97 0.14
C ASN A 90 12.16 12.26 -0.16
N LEU A 91 12.87 12.72 -1.20
CA LEU A 91 14.23 12.22 -1.46
C LEU A 91 15.11 12.48 -0.25
N LYS A 92 15.05 13.70 0.27
CA LYS A 92 15.83 14.08 1.45
C LYS A 92 15.34 13.35 2.70
N ALA A 93 14.04 13.14 2.81
CA ALA A 93 13.50 12.44 3.97
C ALA A 93 13.93 10.98 3.96
N SER A 94 14.12 10.43 2.77
CA SER A 94 14.50 9.04 2.61
C SER A 94 15.95 8.80 3.01
N GLY A 95 16.72 9.88 3.14
CA GLY A 95 18.11 9.78 3.55
C GLY A 95 19.12 10.10 2.45
N TYR A 96 18.65 10.23 1.21
CA TYR A 96 19.54 10.56 0.11
C TYR A 96 19.75 12.07 -0.04
N GLN A 97 20.71 12.48 -0.87
CA GLN A 97 20.99 13.89 -1.13
C GLN A 97 20.89 14.16 -2.61
N PRO A 98 20.37 15.35 -2.99
CA PRO A 98 20.25 15.64 -4.42
C PRO A 98 21.60 15.63 -5.16
N GLU A 99 22.69 15.95 -4.47
CA GLU A 99 24.02 15.94 -5.11
C GLU A 99 24.48 14.53 -5.49
N GLN A 100 23.84 13.51 -4.91
CA GLN A 100 24.21 12.12 -5.18
C GLN A 100 23.59 11.62 -6.49
N VAL A 101 22.55 12.30 -6.96
CA VAL A 101 21.95 11.92 -8.23
C VAL A 101 22.88 12.25 -9.41
N ASP A 102 23.32 11.20 -10.08
CA ASP A 102 24.25 11.18 -11.23
C ASP A 102 23.55 11.25 -12.60
N THR A 103 22.40 10.61 -12.68
CA THR A 103 21.62 10.47 -13.88
C THR A 103 20.10 10.61 -13.63
N ILE A 104 19.44 11.29 -14.54
CA ILE A 104 17.99 11.39 -14.50
C ILE A 104 17.43 10.89 -15.83
N LEU A 105 16.57 9.88 -15.76
CA LEU A 105 15.88 9.39 -16.96
C LEU A 105 14.44 9.88 -16.95
N LEU A 106 14.02 10.49 -18.04
CA LEU A 106 12.66 10.99 -18.16
C LEU A 106 11.86 10.09 -19.08
N THR A 107 10.71 9.60 -18.62
CA THR A 107 9.89 8.77 -19.48
C THR A 107 9.29 9.60 -20.61
N HIS A 108 8.98 10.85 -20.29
CA HIS A 108 8.49 11.83 -21.26
C HIS A 108 8.56 13.22 -20.65
N LEU A 109 8.21 14.25 -21.42
CA LEU A 109 8.42 15.62 -20.97
C LEU A 109 7.15 16.33 -20.47
N HIS A 110 6.09 15.57 -20.13
CA HIS A 110 4.95 16.19 -19.45
C HIS A 110 5.48 16.82 -18.15
N PRO A 111 4.92 17.98 -17.76
CA PRO A 111 5.45 18.73 -16.62
C PRO A 111 5.49 17.96 -15.30
N ASP A 112 4.60 16.99 -15.11
CA ASP A 112 4.61 16.24 -13.85
C ASP A 112 5.70 15.17 -13.82
N HIS A 113 6.54 15.17 -14.84
CA HIS A 113 7.68 14.26 -14.88
C HIS A 113 9.00 14.99 -14.99
N VAL A 114 9.02 16.09 -15.73
CA VAL A 114 10.26 16.83 -15.98
C VAL A 114 10.48 18.04 -15.06
N CYS A 115 9.42 18.75 -14.67
CA CYS A 115 9.61 20.02 -13.94
C CYS A 115 10.39 19.86 -12.64
N GLY A 116 10.24 18.71 -11.98
CA GLY A 116 10.96 18.45 -10.75
C GLY A 116 12.48 18.45 -10.83
N ILE A 117 13.05 18.52 -12.03
CA ILE A 117 14.51 18.59 -12.13
C ILE A 117 15.05 19.96 -11.71
N SER A 118 14.18 20.95 -11.64
CA SER A 118 14.58 22.32 -11.31
C SER A 118 13.57 22.95 -10.36
N LYS A 119 13.96 24.03 -9.70
CA LYS A 119 13.05 24.80 -8.85
C LYS A 119 13.52 26.24 -8.83
N ASP A 120 12.60 27.18 -8.96
CA ASP A 120 12.94 28.60 -9.04
C ASP A 120 13.94 28.83 -10.18
N GLY A 121 13.87 28.01 -11.23
CA GLY A 121 14.76 28.18 -12.38
C GLY A 121 16.22 27.73 -12.21
N VAL A 122 16.52 27.04 -11.10
CA VAL A 122 17.85 26.45 -10.95
C VAL A 122 17.79 24.95 -10.68
N ALA A 123 18.81 24.22 -11.14
CA ALA A 123 18.81 22.76 -11.08
C ALA A 123 18.64 22.28 -9.66
N ASN A 124 17.81 21.27 -9.47
CA ASN A 124 17.75 20.61 -8.19
C ASN A 124 18.85 19.57 -8.05
N PHE A 125 19.37 19.08 -9.18
CA PHE A 125 20.33 17.99 -9.14
C PHE A 125 21.64 18.37 -9.85
N PRO A 126 22.53 19.05 -9.11
CA PRO A 126 23.68 19.74 -9.71
C PRO A 126 24.72 18.83 -10.36
N ASN A 127 24.73 17.55 -10.01
CA ASN A 127 25.69 16.61 -10.59
C ASN A 127 25.09 15.61 -11.58
N ALA A 128 23.83 15.87 -11.95
CA ALA A 128 23.09 14.92 -12.77
C ALA A 128 23.04 15.32 -14.24
N THR A 129 23.11 14.33 -15.11
CA THR A 129 22.70 14.58 -16.47
C THR A 129 21.37 13.92 -16.79
N VAL A 130 20.56 14.69 -17.50
CA VAL A 130 19.17 14.37 -17.77
C VAL A 130 19.07 13.79 -19.18
N TYR A 131 18.38 12.66 -19.30
CA TYR A 131 18.13 12.00 -20.58
C TYR A 131 16.64 11.89 -20.87
N VAL A 132 16.30 12.04 -22.15
CA VAL A 132 14.92 11.79 -22.60
C VAL A 132 15.07 11.35 -24.07
N SER A 133 14.06 10.69 -24.63
CA SER A 133 14.22 10.16 -25.99
C SER A 133 14.33 11.27 -27.04
N ASN A 134 15.06 10.96 -28.08
CA ASN A 134 15.16 11.79 -29.26
C ASN A 134 13.80 12.25 -29.81
N ASP A 135 12.92 11.28 -29.98
CA ASP A 135 11.58 11.54 -30.49
C ASP A 135 10.81 12.49 -29.56
N GLU A 136 11.01 12.34 -28.26
CA GLU A 136 10.26 13.14 -27.28
C GLU A 136 10.71 14.59 -27.31
N ALA A 137 12.03 14.79 -27.30
CA ALA A 137 12.58 16.14 -27.34
C ALA A 137 12.21 16.81 -28.66
N SER A 138 12.26 16.04 -29.75
CA SER A 138 11.89 16.59 -31.06
C SER A 138 10.48 17.16 -31.09
N PHE A 139 9.53 16.42 -30.51
CA PHE A 139 8.13 16.87 -30.51
C PHE A 139 7.92 18.14 -29.70
N TRP A 140 8.54 18.21 -28.53
CA TRP A 140 8.30 19.34 -27.61
C TRP A 140 9.16 20.58 -27.87
N LEU A 141 10.27 20.43 -28.56
CA LEU A 141 11.24 21.52 -28.68
C LEU A 141 11.40 22.08 -30.11
N ASP A 142 10.55 21.62 -31.03
CA ASP A 142 10.51 22.15 -32.39
C ASP A 142 9.49 23.29 -32.49
N PRO A 143 9.98 24.45 -32.84
CA PRO A 143 9.17 25.65 -33.04
C PRO A 143 8.15 25.54 -34.16
N LYS A 144 8.19 24.46 -34.90
CA LYS A 144 7.33 24.25 -36.04
C LYS A 144 6.21 23.33 -35.73
N GLN A 145 6.29 22.68 -34.61
CA GLN A 145 5.32 21.66 -34.24
C GLN A 145 3.94 22.25 -33.95
N ALA A 146 3.92 23.48 -33.44
CA ALA A 146 2.67 24.10 -32.98
C ALA A 146 1.66 24.29 -34.10
N ALA A 147 2.14 24.54 -35.32
CA ALA A 147 1.24 24.70 -36.46
C ALA A 147 0.74 23.34 -36.96
N LYS A 148 1.49 22.28 -36.62
CA LYS A 148 1.18 20.93 -37.06
C LYS A 148 0.07 20.25 -36.24
N LEU A 149 -0.43 20.92 -35.21
CA LEU A 149 -1.56 20.39 -34.46
C LEU A 149 -2.80 21.28 -34.52
N PRO A 150 -3.99 20.69 -34.34
CA PRO A 150 -5.26 21.40 -34.44
C PRO A 150 -5.34 22.57 -33.45
N LYS A 151 -6.02 23.63 -33.84
CA LYS A 151 -6.08 24.86 -33.05
C LYS A 151 -6.50 24.60 -31.60
N GLU A 152 -7.41 23.68 -31.41
CA GLU A 152 -7.87 23.29 -30.09
C GLU A 152 -6.76 22.87 -29.16
N LYS A 153 -5.65 22.39 -29.70
CA LYS A 153 -4.59 21.77 -28.91
C LYS A 153 -3.36 22.65 -28.79
N GLN A 154 -3.37 23.77 -29.50
CA GLN A 154 -2.17 24.61 -29.63
C GLN A 154 -1.81 25.37 -28.35
N ALA A 155 -2.81 25.88 -27.66
CA ALA A 155 -2.59 26.58 -26.42
C ALA A 155 -1.96 25.71 -25.36
N ASN A 156 -2.51 24.54 -25.15
CA ASN A 156 -1.96 23.62 -24.18
C ASN A 156 -0.50 23.26 -24.50
N TYR A 157 -0.23 22.94 -25.76
CA TYR A 157 1.12 22.57 -26.19
C TYR A 157 2.13 23.67 -25.88
N LEU A 158 1.82 24.89 -26.28
CA LEU A 158 2.69 26.03 -26.09
C LEU A 158 2.94 26.27 -24.61
N GLY A 159 1.90 26.10 -23.85
CA GLY A 159 1.98 26.27 -22.40
C GLY A 159 2.90 25.26 -21.77
N THR A 160 2.75 23.99 -22.11
CA THR A 160 3.68 23.02 -21.55
C THR A 160 5.10 23.14 -22.13
N VAL A 161 5.23 23.52 -23.40
CA VAL A 161 6.56 23.81 -23.94
C VAL A 161 7.35 24.79 -23.06
N GLU A 162 6.70 25.86 -22.63
CA GLU A 162 7.36 26.82 -21.76
C GLU A 162 7.83 26.23 -20.42
N LYS A 163 6.99 25.44 -19.80
CA LYS A 163 7.38 24.79 -18.55
C LYS A 163 8.55 23.84 -18.77
N ILE A 164 8.53 23.13 -19.90
CA ILE A 164 9.60 22.19 -20.23
C ILE A 164 10.91 22.93 -20.39
N LYS A 165 10.88 24.01 -21.16
CA LYS A 165 12.06 24.80 -21.42
C LYS A 165 12.66 25.37 -20.15
N GLN A 166 11.85 25.89 -19.26
CA GLN A 166 12.35 26.41 -18.03
C GLN A 166 13.02 25.34 -17.13
N ALA A 167 12.51 24.15 -17.12
CA ALA A 167 13.07 23.12 -16.28
C ALA A 167 14.42 22.65 -16.82
N ILE A 168 14.52 22.51 -18.13
CA ILE A 168 15.71 21.89 -18.72
C ILE A 168 16.82 22.89 -19.05
N ALA A 169 16.48 24.17 -19.15
CA ALA A 169 17.45 25.23 -19.39
C ALA A 169 18.72 25.17 -18.52
N PRO A 170 18.57 24.99 -17.19
CA PRO A 170 19.77 24.90 -16.35
C PRO A 170 20.64 23.70 -16.69
N TYR A 171 20.06 22.64 -17.22
CA TYR A 171 20.86 21.47 -17.56
C TYR A 171 21.50 21.61 -18.94
N GLN A 172 20.75 22.16 -19.89
CA GLN A 172 21.33 22.52 -21.19
C GLN A 172 22.53 23.44 -21.04
N ALA A 173 22.40 24.44 -20.16
CA ALA A 173 23.49 25.37 -19.89
C ALA A 173 24.79 24.67 -19.43
N LYS A 174 24.65 23.54 -18.75
CA LYS A 174 25.81 22.78 -18.28
C LYS A 174 26.17 21.62 -19.21
N GLN A 175 25.51 21.55 -20.37
CA GLN A 175 25.73 20.47 -21.34
C GLN A 175 25.40 19.12 -20.71
N ARG A 176 24.38 19.13 -19.88
CA ARG A 176 23.90 17.93 -19.20
C ARG A 176 22.41 17.60 -19.47
N PHE A 177 21.95 17.98 -20.63
CA PHE A 177 20.65 17.52 -21.12
C PHE A 177 20.89 16.75 -22.41
N LYS A 178 20.56 15.47 -22.40
CA LYS A 178 20.97 14.57 -23.46
C LYS A 178 19.73 13.89 -24.05
N THR A 179 19.81 13.51 -25.32
CA THR A 179 18.77 12.65 -25.90
C THR A 179 19.37 11.32 -26.34
N TYR A 180 18.52 10.31 -26.49
CA TYR A 180 18.98 8.97 -26.90
C TYR A 180 18.08 8.39 -27.98
N LYS A 181 18.51 7.29 -28.54
CA LYS A 181 17.72 6.57 -29.51
C LYS A 181 17.48 5.14 -29.07
N LEU A 182 16.50 4.49 -29.63
CA LEU A 182 16.26 3.09 -29.42
C LEU A 182 17.55 2.28 -29.47
N GLY A 183 17.75 1.24 -28.65
CA GLY A 183 18.98 0.46 -28.71
C GLY A 183 20.02 0.99 -27.73
N ASP A 184 19.85 2.25 -27.32
CA ASP A 184 20.76 2.87 -26.38
C ASP A 184 20.57 2.28 -24.97
N ASP A 185 21.65 1.95 -24.32
CA ASP A 185 21.59 1.56 -22.90
C ASP A 185 22.19 2.72 -22.12
N ILE A 186 21.53 3.11 -21.03
CA ILE A 186 22.04 4.18 -20.18
C ILE A 186 22.13 3.70 -18.75
N GLN A 187 23.35 3.67 -18.21
CA GLN A 187 23.60 3.25 -16.82
C GLN A 187 23.07 1.85 -16.56
N GLY A 188 23.10 1.00 -17.58
CA GLY A 188 22.63 -0.36 -17.45
C GLY A 188 21.13 -0.49 -17.64
N PHE A 189 20.45 0.63 -17.86
CA PHE A 189 19.03 0.60 -18.16
C PHE A 189 18.80 0.43 -19.65
N LYS A 190 17.83 -0.38 -20.02
CA LYS A 190 17.42 -0.51 -21.39
C LYS A 190 16.22 0.38 -21.74
N VAL A 191 16.31 1.08 -22.83
CA VAL A 191 15.23 1.97 -23.21
C VAL A 191 14.21 1.24 -24.09
N ILE A 192 12.94 1.42 -23.79
CA ILE A 192 11.87 0.71 -24.49
C ILE A 192 10.85 1.69 -25.02
N ASN A 193 10.62 1.64 -26.33
CA ASN A 193 9.68 2.56 -26.93
C ASN A 193 8.25 2.20 -26.54
N THR A 194 7.58 3.14 -25.88
CA THR A 194 6.18 2.94 -25.51
C THR A 194 5.42 4.20 -25.89
N ALA A 195 5.59 4.63 -27.13
CA ALA A 195 4.96 5.83 -27.65
C ALA A 195 3.43 5.74 -27.70
N GLY A 196 2.80 6.90 -27.66
CA GLY A 196 1.35 7.00 -27.78
C GLY A 196 0.87 8.09 -26.84
N HIS A 197 1.10 7.87 -25.55
CA HIS A 197 0.80 8.90 -24.55
C HIS A 197 1.45 10.22 -24.95
N THR A 198 2.71 10.16 -25.38
CA THR A 198 3.36 11.27 -26.07
C THR A 198 4.14 10.66 -27.22
N PRO A 199 4.52 11.48 -28.21
CA PRO A 199 5.14 10.87 -29.39
C PRO A 199 6.48 10.16 -29.10
N GLY A 200 7.15 10.52 -28.01
CA GLY A 200 8.44 9.91 -27.70
C GLY A 200 8.48 9.30 -26.31
N HIS A 201 7.33 8.84 -25.83
CA HIS A 201 7.25 8.22 -24.51
C HIS A 201 8.04 6.93 -24.51
N PHE A 202 8.94 6.78 -23.53
CA PHE A 202 9.72 5.56 -23.38
C PHE A 202 9.60 5.04 -21.96
N SER A 203 9.73 3.73 -21.80
CA SER A 203 9.85 3.14 -20.47
C SER A 203 11.29 2.64 -20.32
N TYR A 204 11.69 2.32 -19.10
CA TYR A 204 13.05 1.91 -18.83
C TYR A 204 13.08 0.59 -18.07
N GLU A 205 13.85 -0.38 -18.57
CA GLU A 205 13.95 -1.68 -17.91
C GLU A 205 15.32 -1.89 -17.26
N LEU A 206 15.29 -2.29 -15.99
CA LEU A 206 16.46 -2.59 -15.19
C LEU A 206 16.46 -4.08 -14.92
N LYS A 207 17.42 -4.81 -15.46
CA LYS A 207 17.54 -6.23 -15.13
C LYS A 207 18.58 -6.44 -14.04
N THR A 208 18.14 -7.01 -12.92
CA THR A 208 19.04 -7.35 -11.84
C THR A 208 19.07 -8.86 -11.71
N LYS A 209 19.87 -9.36 -10.76
CA LYS A 209 19.93 -10.79 -10.51
C LYS A 209 18.57 -11.33 -10.07
N GLY A 210 17.97 -12.17 -10.92
CA GLY A 210 16.70 -12.80 -10.59
C GLY A 210 15.45 -11.92 -10.60
N GLU A 211 15.57 -10.69 -11.10
CA GLU A 211 14.41 -9.78 -11.13
C GLU A 211 14.55 -8.71 -12.20
N SER A 212 13.50 -8.54 -13.00
CA SER A 212 13.43 -7.42 -13.94
C SER A 212 12.44 -6.41 -13.41
N ILE A 213 12.83 -5.13 -13.43
CA ILE A 213 11.96 -4.04 -13.00
C ILE A 213 11.72 -3.14 -14.18
N VAL A 214 10.45 -2.89 -14.52
CA VAL A 214 10.15 -1.95 -15.59
C VAL A 214 9.57 -0.66 -15.02
N PHE A 215 10.22 0.46 -15.31
CA PHE A 215 9.70 1.74 -14.90
C PHE A 215 8.88 2.21 -16.09
N ILE A 216 7.56 2.04 -15.99
CA ILE A 216 6.68 2.08 -17.15
C ILE A 216 6.25 3.45 -17.64
N GLY A 217 6.42 4.47 -16.82
CA GLY A 217 5.95 5.79 -17.18
C GLY A 217 4.42 5.82 -17.29
N ASP A 218 3.92 6.63 -18.20
CA ASP A 218 2.49 6.90 -18.28
C ASP A 218 1.73 6.08 -19.32
N ILE A 219 2.00 4.78 -19.37
CA ILE A 219 1.21 3.90 -20.22
C ILE A 219 -0.08 3.54 -19.48
N VAL A 220 -0.24 4.07 -18.26
CA VAL A 220 -1.47 3.87 -17.50
C VAL A 220 -1.64 4.93 -16.41
N HIS A 221 -2.90 5.29 -16.12
CA HIS A 221 -3.19 6.37 -15.17
C HIS A 221 -4.08 5.95 -14.01
N SER A 222 -4.33 4.66 -13.85
CA SER A 222 -5.27 4.19 -12.83
C SER A 222 -5.04 2.72 -12.57
N HIS A 223 -5.27 2.26 -11.33
CA HIS A 223 -5.20 0.84 -11.05
C HIS A 223 -6.58 0.21 -11.15
N THR A 224 -7.56 1.03 -11.57
CA THR A 224 -8.96 0.64 -11.54
C THR A 224 -9.51 0.46 -12.95
N VAL A 225 -9.97 1.56 -13.55
CA VAL A 225 -10.61 1.51 -14.87
C VAL A 225 -9.71 0.84 -15.92
N GLN A 226 -8.45 1.25 -15.98
CA GLN A 226 -7.57 0.77 -17.04
C GLN A 226 -6.92 -0.58 -16.78
N PHE A 227 -7.24 -1.19 -15.65
CA PHE A 227 -6.86 -2.59 -15.45
C PHE A 227 -8.03 -3.53 -15.78
N ASP A 228 -9.22 -3.24 -15.25
CA ASP A 228 -10.40 -4.03 -15.60
C ASP A 228 -10.75 -3.85 -17.08
N ARG A 229 -10.55 -2.64 -17.60
CA ARG A 229 -10.81 -2.37 -19.01
C ARG A 229 -9.60 -1.70 -19.66
N PRO A 230 -8.54 -2.49 -19.95
CA PRO A 230 -7.28 -1.91 -20.40
C PRO A 230 -7.38 -1.16 -21.74
N GLU A 231 -8.43 -1.37 -22.50
CA GLU A 231 -8.68 -0.66 -23.76
C GLU A 231 -9.12 0.78 -23.59
N THR A 232 -9.29 1.21 -22.36
CA THR A 232 -9.76 2.56 -22.06
C THR A 232 -8.65 3.61 -22.14
N ALA A 233 -8.74 4.53 -23.09
CA ALA A 233 -7.77 5.62 -23.18
C ALA A 233 -8.07 6.71 -22.15
N ILE A 234 -7.16 7.66 -22.01
CA ILE A 234 -7.42 8.82 -21.16
C ILE A 234 -7.15 10.08 -21.97
N GLU A 235 -7.82 11.18 -21.61
CA GLU A 235 -7.71 12.43 -22.36
C GLU A 235 -6.29 13.01 -22.41
N TYR A 236 -5.45 12.63 -21.46
CA TYR A 236 -4.06 13.07 -21.43
C TYR A 236 -3.21 12.49 -22.58
N ASP A 237 -3.64 11.38 -23.15
CA ASP A 237 -2.91 10.75 -24.25
C ASP A 237 -2.92 11.67 -25.48
N ILE A 238 -1.76 11.92 -26.08
CA ILE A 238 -1.72 12.73 -27.30
C ILE A 238 -2.23 11.90 -28.48
N ASP A 239 -1.83 10.63 -28.53
CA ASP A 239 -2.42 9.69 -29.48
C ASP A 239 -3.06 8.55 -28.70
N PRO A 240 -4.36 8.68 -28.39
CA PRO A 240 -5.04 7.68 -27.55
C PRO A 240 -5.08 6.28 -28.17
N LYS A 241 -5.24 6.18 -29.46
CA LYS A 241 -5.23 4.90 -30.08
C LYS A 241 -3.92 4.18 -29.92
N LYS A 242 -2.85 4.85 -30.23
CA LYS A 242 -1.50 4.32 -30.09
C LYS A 242 -1.19 3.99 -28.62
N ALA A 243 -1.67 4.82 -27.70
CA ALA A 243 -1.41 4.60 -26.27
C ALA A 243 -2.12 3.36 -25.74
N VAL A 244 -3.32 3.11 -26.25
CA VAL A 244 -4.03 1.87 -25.93
C VAL A 244 -3.27 0.67 -26.48
N GLU A 245 -2.83 0.75 -27.73
CA GLU A 245 -2.06 -0.34 -28.33
C GLU A 245 -0.83 -0.63 -27.49
N THR A 246 -0.17 0.44 -27.05
CA THR A 246 1.05 0.29 -26.24
C THR A 246 0.76 -0.38 -24.91
N ARG A 247 -0.28 0.08 -24.19
CA ARG A 247 -0.62 -0.54 -22.91
C ARG A 247 -0.99 -2.02 -23.05
N LEU A 248 -1.83 -2.35 -24.00
CA LEU A 248 -2.21 -3.71 -24.19
C LEU A 248 -1.02 -4.62 -24.47
N LYS A 249 -0.10 -4.15 -25.27
CA LYS A 249 1.12 -4.91 -25.51
C LYS A 249 1.95 -5.10 -24.24
N GLN A 250 2.13 -4.04 -23.47
CA GLN A 250 3.01 -4.12 -22.32
C GLN A 250 2.37 -4.91 -21.18
N PHE A 251 1.07 -4.71 -20.95
CA PHE A 251 0.38 -5.43 -19.87
C PHE A 251 0.35 -6.93 -20.15
N ALA A 252 0.21 -7.27 -21.42
CA ALA A 252 0.25 -8.67 -21.82
C ALA A 252 1.62 -9.24 -21.45
N ASN A 253 2.68 -8.57 -21.89
CA ASN A 253 4.04 -8.95 -21.53
C ASN A 253 4.23 -9.08 -20.01
N PHE A 254 3.77 -8.09 -19.24
CA PHE A 254 3.93 -8.10 -17.78
C PHE A 254 3.19 -9.24 -17.10
N ALA A 255 1.99 -9.55 -17.58
CA ALA A 255 1.19 -10.62 -17.02
C ALA A 255 1.82 -11.99 -17.25
N LYS A 256 2.32 -12.20 -18.43
CA LYS A 256 2.99 -13.40 -18.79
C LYS A 256 4.37 -13.58 -18.10
N ASN A 257 5.16 -12.53 -18.09
CA ASN A 257 6.56 -12.63 -17.68
C ASN A 257 6.86 -12.15 -16.27
N GLY A 258 5.90 -11.46 -15.66
CA GLY A 258 5.96 -11.19 -14.24
C GLY A 258 6.95 -10.14 -13.78
N GLN A 259 7.36 -9.24 -14.66
CA GLN A 259 8.26 -8.16 -14.26
C GLN A 259 7.66 -7.37 -13.12
N THR A 260 8.51 -6.90 -12.25
CA THR A 260 8.15 -5.94 -11.25
C THR A 260 7.94 -4.59 -11.95
N ILE A 261 6.94 -3.82 -11.60
CA ILE A 261 6.56 -2.60 -12.26
C ILE A 261 6.67 -1.39 -11.35
N ALA A 262 7.25 -0.29 -11.85
CA ALA A 262 7.25 0.93 -11.07
C ALA A 262 6.57 2.00 -11.91
N ALA A 263 5.46 2.53 -11.41
CA ALA A 263 4.62 3.41 -12.21
C ALA A 263 4.38 4.76 -11.55
N PRO A 264 4.58 5.86 -12.31
CA PRO A 264 4.36 7.18 -11.72
C PRO A 264 2.90 7.45 -11.36
N HIS A 265 1.94 6.80 -12.02
CA HIS A 265 0.53 7.06 -11.71
C HIS A 265 -0.29 5.90 -11.13
N LEU A 266 0.37 4.92 -10.51
CA LEU A 266 -0.35 3.90 -9.76
C LEU A 266 -0.18 4.24 -8.28
N PRO A 267 -1.09 3.75 -7.40
CA PRO A 267 -1.09 4.18 -6.00
C PRO A 267 0.25 4.04 -5.31
N PHE A 268 0.77 5.16 -4.79
CA PHE A 268 2.06 5.18 -4.09
C PHE A 268 2.15 4.03 -3.10
N PRO A 269 3.30 3.33 -3.07
CA PRO A 269 4.58 3.57 -3.77
C PRO A 269 4.61 3.33 -5.27
N GLY A 270 3.55 2.76 -5.85
CA GLY A 270 3.50 2.57 -7.30
C GLY A 270 4.34 1.41 -7.80
N ILE A 271 4.69 0.50 -6.89
CA ILE A 271 5.51 -0.66 -7.22
C ILE A 271 4.68 -1.93 -6.99
N GLY A 272 4.70 -2.82 -7.96
CA GLY A 272 3.87 -4.01 -7.89
C GLY A 272 4.03 -4.88 -9.13
N HIS A 273 3.03 -5.72 -9.39
CA HIS A 273 3.07 -6.63 -10.51
C HIS A 273 1.68 -6.67 -11.14
N THR A 274 1.57 -7.16 -12.37
CA THR A 274 0.25 -7.31 -12.96
C THR A 274 -0.12 -8.76 -13.23
N TYR A 275 -1.33 -9.11 -12.81
CA TYR A 275 -1.87 -10.45 -13.03
C TYR A 275 -2.98 -10.36 -14.04
N SER A 276 -3.18 -11.43 -14.79
CA SER A 276 -4.33 -11.57 -15.67
C SER A 276 -4.82 -13.02 -15.67
N ALA A 277 -6.12 -13.21 -15.53
CA ALA A 277 -6.71 -14.54 -15.56
C ALA A 277 -6.99 -15.00 -16.99
N ASP A 278 -7.17 -14.04 -17.91
CA ASP A 278 -7.68 -14.37 -19.24
C ASP A 278 -7.05 -13.57 -20.39
N GLY A 279 -6.20 -12.59 -20.09
CA GLY A 279 -5.62 -11.76 -21.13
C GLY A 279 -6.57 -10.68 -21.62
N LYS A 280 -7.68 -10.57 -20.98
CA LYS A 280 -8.66 -9.60 -21.29
C LYS A 280 -8.71 -8.48 -20.28
N SER A 281 -8.65 -8.85 -19.01
CA SER A 281 -8.59 -7.89 -17.93
C SER A 281 -7.34 -8.15 -17.11
N TYR A 282 -6.85 -7.11 -16.45
CA TYR A 282 -5.64 -7.23 -15.64
C TYR A 282 -5.95 -6.77 -14.24
N GLN A 283 -5.11 -7.18 -13.28
CA GLN A 283 -5.29 -6.76 -11.89
C GLN A 283 -3.95 -6.28 -11.33
N TRP A 284 -3.95 -5.12 -10.69
CA TRP A 284 -2.75 -4.54 -10.12
C TRP A 284 -2.54 -5.14 -8.74
N ILE A 285 -1.39 -5.79 -8.55
CA ILE A 285 -1.03 -6.35 -7.25
C ILE A 285 0.07 -5.48 -6.64
N PRO A 286 -0.27 -4.66 -5.63
CA PRO A 286 0.78 -3.84 -5.02
C PRO A 286 1.78 -4.70 -4.23
N ILE A 287 3.02 -4.26 -4.11
CA ILE A 287 3.97 -5.04 -3.32
C ILE A 287 3.56 -4.97 -1.85
N HIS A 288 4.05 -5.94 -1.08
CA HIS A 288 3.66 -6.10 0.31
C HIS A 288 4.75 -5.43 1.16
N PHE A 289 4.40 -4.39 1.89
CA PHE A 289 5.30 -3.65 2.79
C PHE A 289 6.35 -4.53 3.51
N LYS A 290 7.60 -4.21 3.36
CA LYS A 290 8.62 -4.94 4.02
C LYS A 290 9.49 -4.08 4.96
N ASP A 291 9.33 -4.28 6.23
CA ASP A 291 10.17 -3.65 7.19
C ASP A 291 11.40 -4.51 7.18
N LYS B 1 16.96 3.10 6.92
CA LYS B 1 16.75 3.28 5.48
C LYS B 1 15.26 3.24 5.16
N GLN B 2 14.63 2.15 5.51
CA GLN B 2 13.20 1.96 5.26
C GLN B 2 12.32 2.95 6.01
N VAL B 3 11.21 3.34 5.38
CA VAL B 3 10.27 4.26 6.01
C VAL B 3 9.72 3.62 7.27
N ALA B 4 9.38 4.45 8.25
CA ALA B 4 8.86 3.92 9.49
C ALA B 4 7.48 3.33 9.24
N GLY B 5 7.10 2.36 10.07
CA GLY B 5 5.84 1.66 9.89
C GLY B 5 4.67 2.29 10.62
N TYR B 6 4.33 3.53 10.26
CA TYR B 6 3.05 4.11 10.68
C TYR B 6 2.39 4.73 9.46
N TYR B 7 1.07 4.82 9.48
CA TYR B 7 0.33 5.46 8.39
C TYR B 7 -0.96 6.09 8.93
N GLN B 8 -1.23 7.34 8.52
CA GLN B 8 -2.40 8.05 8.99
C GLN B 8 -3.59 7.95 8.05
N TYR B 9 -4.69 7.39 8.54
CA TYR B 9 -5.93 7.32 7.77
C TYR B 9 -6.99 8.20 8.42
N GLN B 10 -7.48 9.17 7.67
CA GLN B 10 -8.45 10.12 8.18
C GLN B 10 -9.87 9.69 7.86
N ALA B 11 -10.71 9.64 8.88
CA ALA B 11 -12.12 9.35 8.72
C ALA B 11 -12.92 10.44 9.39
N GLY B 12 -13.31 11.44 8.60
CA GLY B 12 -14.00 12.59 9.16
C GLY B 12 -13.10 13.24 10.19
N ASP B 13 -13.59 13.40 11.41
CA ASP B 13 -12.80 14.02 12.47
C ASP B 13 -12.00 12.98 13.26
N VAL B 14 -11.92 11.78 12.76
CA VAL B 14 -11.20 10.72 13.44
C VAL B 14 -9.91 10.37 12.72
N GLN B 15 -8.84 10.27 13.46
CA GLN B 15 -7.58 9.82 12.88
C GLN B 15 -7.27 8.39 13.29
N ILE B 16 -7.05 7.51 12.32
CA ILE B 16 -6.61 6.15 12.60
C ILE B 16 -5.16 5.97 12.19
N THR B 17 -4.32 5.57 13.13
CA THR B 17 -2.91 5.34 12.85
C THR B 17 -2.61 3.86 12.83
N ALA B 18 -2.35 3.34 11.63
CA ALA B 18 -1.90 1.97 11.48
C ALA B 18 -0.45 1.88 11.95
N LEU B 19 -0.14 0.87 12.76
CA LEU B 19 1.18 0.70 13.33
C LEU B 19 1.70 -0.70 13.03
N LEU B 20 2.90 -0.78 12.44
CA LEU B 20 3.46 -2.08 12.09
C LEU B 20 4.24 -2.68 13.27
N ASP B 21 3.97 -3.96 13.56
CA ASP B 21 4.72 -4.66 14.60
C ASP B 21 5.90 -5.41 14.01
N GLY B 22 5.77 -5.80 12.75
CA GLY B 22 6.75 -6.64 12.08
C GLY B 22 6.08 -7.55 11.07
N THR B 23 6.86 -8.47 10.51
CA THR B 23 6.38 -9.26 9.38
C THR B 23 6.78 -10.72 9.55
N ASN B 24 5.80 -11.62 9.45
CA ASN B 24 6.05 -13.07 9.50
C ASN B 24 6.02 -13.69 8.13
N PHE B 25 6.79 -14.76 7.94
CA PHE B 25 6.67 -15.57 6.74
C PHE B 25 6.28 -16.98 7.16
N MET B 26 5.01 -17.31 6.98
CA MET B 26 4.53 -18.62 7.41
C MET B 26 4.58 -19.63 6.27
N SER B 27 4.73 -20.90 6.62
CA SER B 27 4.69 -21.97 5.62
C SER B 27 3.27 -22.09 5.05
N PRO B 28 3.17 -22.44 3.75
CA PRO B 28 1.89 -22.58 3.06
C PRO B 28 1.01 -23.69 3.59
N ASN B 29 1.58 -24.64 4.33
CA ASN B 29 0.78 -25.69 4.96
C ASN B 29 -0.07 -25.17 6.12
N LEU B 30 0.11 -23.94 6.55
CA LEU B 30 -0.76 -23.36 7.54
C LEU B 30 -2.21 -23.20 7.07
N PHE B 31 -2.41 -23.06 5.76
CA PHE B 31 -3.76 -23.08 5.22
C PHE B 31 -4.27 -24.52 5.20
N LYS B 32 -5.40 -24.73 5.84
CA LYS B 32 -5.93 -26.06 6.07
C LYS B 32 -6.84 -26.58 4.95
N ASP B 33 -6.79 -27.87 4.73
CA ASP B 33 -7.75 -28.56 3.89
C ASP B 33 -8.01 -27.90 2.54
N ILE B 34 -6.99 -27.45 1.91
CA ILE B 34 -7.09 -26.92 0.59
C ILE B 34 -5.87 -27.50 -0.06
N PRO B 35 -6.01 -28.06 -1.22
CA PRO B 35 -4.77 -28.57 -1.86
C PRO B 35 -3.62 -27.58 -1.99
N GLN B 36 -2.42 -28.02 -1.68
CA GLN B 36 -1.32 -27.08 -1.64
C GLN B 36 -1.05 -26.52 -3.04
N GLN B 37 -1.39 -27.26 -4.06
CA GLN B 37 -1.31 -26.74 -5.41
C GLN B 37 -2.19 -25.53 -5.61
N GLN B 38 -3.40 -25.55 -5.09
CA GLN B 38 -4.30 -24.40 -5.20
C GLN B 38 -3.81 -23.21 -4.37
N VAL B 39 -3.24 -23.50 -3.20
CA VAL B 39 -2.62 -22.45 -2.40
C VAL B 39 -1.53 -21.76 -3.20
N HIS B 40 -0.69 -22.57 -3.83
CA HIS B 40 0.42 -22.03 -4.61
C HIS B 40 -0.02 -21.26 -5.87
N GLU B 41 -1.09 -21.72 -6.52
CA GLU B 41 -1.67 -21.00 -7.64
C GLU B 41 -2.11 -19.62 -7.23
N ILE B 42 -2.78 -19.56 -6.11
CA ILE B 42 -3.32 -18.29 -5.62
C ILE B 42 -2.21 -17.33 -5.20
N LEU B 43 -1.20 -17.87 -4.53
CA LEU B 43 -0.05 -17.08 -4.13
C LEU B 43 0.65 -16.50 -5.36
N LYS B 44 0.77 -17.28 -6.39
CA LYS B 44 1.36 -16.82 -7.63
C LYS B 44 0.61 -15.69 -8.32
N LYS B 45 -0.71 -15.77 -8.32
CA LYS B 45 -1.55 -14.69 -8.80
C LYS B 45 -1.24 -13.36 -8.11
N TYR B 46 -0.99 -13.43 -6.80
CA TYR B 46 -0.75 -12.24 -6.00
C TYR B 46 0.74 -12.01 -5.80
N TYR B 47 1.54 -12.64 -6.66
CA TYR B 47 3.00 -12.52 -6.61
C TYR B 47 3.50 -12.63 -5.17
N ALA B 48 2.99 -13.64 -4.47
CA ALA B 48 3.25 -13.82 -3.04
C ALA B 48 3.89 -15.19 -2.74
N ASP B 49 4.33 -15.89 -3.79
CA ASP B 49 4.84 -17.25 -3.62
C ASP B 49 6.36 -17.23 -3.54
N GLN B 50 6.89 -16.77 -2.42
CA GLN B 50 8.35 -16.74 -2.26
C GLN B 50 8.84 -17.91 -1.42
N GLU B 51 10.04 -18.33 -1.68
CA GLU B 51 10.64 -19.45 -0.99
C GLU B 51 10.63 -19.41 0.54
N LYS B 52 10.75 -18.25 1.14
CA LYS B 52 10.83 -18.17 2.61
C LYS B 52 9.48 -18.35 3.28
N GLY B 53 8.41 -18.21 2.51
CA GLY B 53 7.08 -18.42 3.05
C GLY B 53 6.08 -17.35 2.67
N VAL B 54 4.92 -17.41 3.30
CA VAL B 54 3.81 -16.52 2.99
C VAL B 54 3.89 -15.26 3.84
N GLN B 55 4.28 -14.14 3.22
CA GLN B 55 4.47 -12.89 3.95
C GLN B 55 3.18 -12.44 4.62
N THR B 56 3.27 -12.17 5.93
CA THR B 56 2.08 -11.81 6.71
C THR B 56 2.39 -10.67 7.67
N SER B 57 1.69 -9.56 7.52
CA SER B 57 1.93 -8.41 8.40
C SER B 57 1.35 -8.69 9.79
N ILE B 58 1.92 -8.04 10.79
CA ILE B 58 1.31 -7.95 12.11
C ILE B 58 1.18 -6.45 12.43
N ASN B 59 -0.06 -5.98 12.55
CA ASN B 59 -0.35 -4.56 12.74
C ASN B 59 -1.13 -4.31 14.02
N ALA B 60 -1.11 -3.06 14.49
CA ALA B 60 -2.04 -2.61 15.53
C ALA B 60 -2.59 -1.28 15.06
N PHE B 61 -3.60 -0.75 15.76
CA PHE B 61 -4.20 0.51 15.34
C PHE B 61 -4.46 1.50 16.47
N LEU B 62 -4.02 2.75 16.28
CA LEU B 62 -4.40 3.84 17.17
C LEU B 62 -5.60 4.54 16.59
N VAL B 63 -6.57 4.87 17.43
CA VAL B 63 -7.74 5.65 17.00
C VAL B 63 -7.87 6.90 17.85
N ASN B 64 -7.76 8.06 17.20
CA ASN B 64 -7.84 9.35 17.89
C ASN B 64 -9.22 9.92 17.63
N ILE B 65 -10.09 9.85 18.64
CA ILE B 65 -11.45 10.34 18.49
C ILE B 65 -11.64 11.74 19.09
N GLY B 66 -10.53 12.45 19.32
CA GLY B 66 -10.59 13.81 19.82
C GLY B 66 -10.42 13.87 21.33
N LYS B 67 -11.38 13.32 22.06
CA LYS B 67 -11.35 13.31 23.51
C LYS B 67 -10.52 12.14 24.04
N SER B 68 -10.35 11.10 23.21
CA SER B 68 -9.67 9.89 23.66
C SER B 68 -8.76 9.32 22.59
N LEU B 69 -7.64 8.75 23.01
CA LEU B 69 -6.76 8.04 22.11
C LEU B 69 -6.83 6.57 22.48
N ILE B 70 -7.33 5.73 21.60
CA ILE B 70 -7.51 4.31 21.84
C ILE B 70 -6.59 3.41 21.02
N LEU B 71 -5.98 2.42 21.64
CA LEU B 71 -5.12 1.49 20.91
C LEU B 71 -5.80 0.13 20.76
N ILE B 72 -5.92 -0.34 19.52
CA ILE B 72 -6.60 -1.59 19.26
C ILE B 72 -5.59 -2.66 18.87
N ASP B 73 -5.38 -3.60 19.79
CA ASP B 73 -4.24 -4.52 19.77
C ASP B 73 -2.90 -3.79 19.90
N SER B 74 -1.82 -4.53 20.12
CA SER B 74 -0.56 -3.88 20.50
C SER B 74 0.68 -4.57 20.01
N GLY B 75 0.53 -5.57 19.15
CA GLY B 75 1.68 -6.31 18.66
C GLY B 75 2.20 -7.34 19.65
N ALA B 76 3.38 -7.88 19.37
CA ALA B 76 3.89 -9.05 20.09
C ALA B 76 4.98 -8.77 21.13
N ALA B 77 5.39 -7.51 21.25
CA ALA B 77 6.58 -7.17 22.04
C ALA B 77 7.70 -8.16 21.71
N SER B 78 8.23 -8.77 22.76
CA SER B 78 9.24 -9.80 22.70
C SER B 78 8.75 -11.23 22.80
N CYS B 79 7.46 -11.42 22.76
CA CYS B 79 6.88 -12.75 23.01
C CYS B 79 7.12 -13.77 21.88
N PHE B 80 7.44 -13.32 20.68
CA PHE B 80 7.71 -14.23 19.56
C PHE B 80 9.07 -14.07 18.93
N GLY B 81 9.92 -13.28 19.51
CA GLY B 81 11.23 -13.09 18.97
C GLY B 81 11.36 -11.75 18.32
N SER B 82 12.55 -11.46 17.89
CA SER B 82 12.97 -10.14 17.65
C SER B 82 12.65 -9.52 16.33
N HIS B 83 12.09 -10.27 15.42
CA HIS B 83 11.59 -9.72 14.20
C HIS B 83 10.29 -8.96 14.41
N LEU B 84 9.58 -9.25 15.50
CA LEU B 84 8.37 -8.52 15.84
C LEU B 84 8.60 -7.50 16.96
N GLY B 85 7.57 -6.78 17.36
CA GLY B 85 7.66 -5.89 18.49
C GLY B 85 7.84 -4.40 18.19
N SER B 86 7.65 -3.99 16.94
CA SER B 86 7.84 -2.59 16.50
C SER B 86 6.74 -1.61 16.80
N VAL B 87 5.61 -2.06 17.27
CA VAL B 87 4.46 -1.17 17.46
C VAL B 87 4.77 0.07 18.29
N LEU B 88 5.44 -0.11 19.42
CA LEU B 88 5.70 1.03 20.30
C LEU B 88 6.66 1.99 19.63
N SER B 89 7.67 1.46 18.95
CA SER B 89 8.62 2.31 18.23
C SER B 89 7.91 3.09 17.11
N ASN B 90 6.98 2.45 16.43
CA ASN B 90 6.27 3.13 15.35
C ASN B 90 5.23 4.13 15.85
N LEU B 91 4.65 3.86 17.01
CA LEU B 91 3.78 4.79 17.68
C LEU B 91 4.51 6.08 17.96
N LYS B 92 5.69 5.92 18.49
CA LYS B 92 6.53 7.08 18.78
C LYS B 92 6.96 7.78 17.51
N ALA B 93 7.36 7.01 16.51
CA ALA B 93 7.70 7.59 15.21
C ALA B 93 6.54 8.39 14.61
N SER B 94 5.30 7.96 14.89
CA SER B 94 4.13 8.64 14.32
C SER B 94 3.87 10.00 14.97
N GLY B 95 4.50 10.24 16.12
CA GLY B 95 4.36 11.53 16.78
C GLY B 95 3.57 11.44 18.07
N TYR B 96 2.90 10.32 18.28
CA TYR B 96 2.15 10.14 19.50
C TYR B 96 3.09 9.68 20.62
N GLN B 97 2.64 9.78 21.84
CA GLN B 97 3.36 9.26 22.99
C GLN B 97 2.49 8.27 23.77
N PRO B 98 3.10 7.23 24.30
CA PRO B 98 2.32 6.17 24.96
C PRO B 98 1.53 6.68 26.17
N GLU B 99 1.97 7.76 26.80
CA GLU B 99 1.23 8.34 27.93
C GLU B 99 -0.14 8.83 27.48
N GLN B 100 -0.27 9.17 26.20
CA GLN B 100 -1.55 9.69 25.68
C GLN B 100 -2.62 8.62 25.51
N VAL B 101 -2.23 7.35 25.48
CA VAL B 101 -3.21 6.27 25.29
C VAL B 101 -4.03 6.07 26.57
N ASP B 102 -5.35 6.22 26.47
CA ASP B 102 -6.20 6.07 27.64
C ASP B 102 -7.01 4.78 27.64
N THR B 103 -7.11 4.12 26.47
CA THR B 103 -7.93 2.93 26.31
C THR B 103 -7.27 1.93 25.38
N ILE B 104 -7.23 0.67 25.79
CA ILE B 104 -6.71 -0.39 24.96
C ILE B 104 -7.78 -1.46 24.72
N LEU B 105 -8.12 -1.68 23.46
CA LEU B 105 -9.09 -2.69 23.10
C LEU B 105 -8.38 -3.89 22.49
N LEU B 106 -8.63 -5.07 23.05
CA LEU B 106 -8.00 -6.29 22.53
C LEU B 106 -9.01 -7.14 21.77
N THR B 107 -8.69 -7.49 20.54
CA THR B 107 -9.57 -8.37 19.78
C THR B 107 -9.53 -9.79 20.36
N HIS B 108 -8.35 -10.20 20.82
CA HIS B 108 -8.15 -11.50 21.48
C HIS B 108 -6.82 -11.50 22.23
N LEU B 109 -6.57 -12.57 22.99
CA LEU B 109 -5.39 -12.60 23.86
C LEU B 109 -4.19 -13.37 23.30
N HIS B 110 -4.20 -13.66 22.01
CA HIS B 110 -2.99 -14.21 21.37
C HIS B 110 -1.82 -13.24 21.62
N PRO B 111 -0.60 -13.79 21.79
CA PRO B 111 0.54 -12.95 22.18
C PRO B 111 0.81 -11.81 21.21
N ASP B 112 0.58 -12.03 19.91
CA ASP B 112 0.87 -10.98 18.93
C ASP B 112 -0.15 -9.86 18.95
N HIS B 113 -1.06 -9.93 19.92
CA HIS B 113 -2.06 -8.88 20.13
C HIS B 113 -2.01 -8.25 21.53
N VAL B 114 -1.67 -9.05 22.55
CA VAL B 114 -1.65 -8.58 23.94
C VAL B 114 -0.27 -8.20 24.51
N CYS B 115 0.78 -8.93 24.14
CA CYS B 115 2.11 -8.75 24.74
C CYS B 115 2.64 -7.31 24.64
N GLY B 116 2.32 -6.64 23.53
CA GLY B 116 2.69 -5.25 23.35
C GLY B 116 2.23 -4.26 24.40
N ILE B 117 1.26 -4.62 25.25
CA ILE B 117 0.79 -3.66 26.26
C ILE B 117 1.80 -3.45 27.40
N SER B 118 2.77 -4.35 27.49
CA SER B 118 3.76 -4.23 28.55
C SER B 118 5.13 -4.61 28.02
N LYS B 119 6.18 -4.19 28.74
CA LYS B 119 7.53 -4.64 28.44
C LYS B 119 8.15 -5.24 29.70
N ASP B 120 8.34 -6.54 29.70
CA ASP B 120 8.78 -7.31 30.84
C ASP B 120 8.05 -6.94 32.09
N GLY B 121 6.75 -7.00 32.04
CA GLY B 121 5.94 -6.80 33.21
C GLY B 121 5.67 -5.37 33.64
N VAL B 122 6.21 -4.37 32.94
CA VAL B 122 5.86 -2.98 33.16
C VAL B 122 4.95 -2.35 32.06
N ALA B 123 3.89 -1.71 32.49
CA ALA B 123 2.90 -1.15 31.56
C ALA B 123 3.54 -0.18 30.58
N ASN B 124 3.37 -0.43 29.29
CA ASN B 124 3.86 0.49 28.27
C ASN B 124 2.96 1.72 28.22
N PHE B 125 1.73 1.56 28.69
CA PHE B 125 0.74 2.61 28.57
C PHE B 125 0.18 2.94 29.94
N PRO B 126 0.92 3.75 30.65
CA PRO B 126 0.69 4.07 32.05
C PRO B 126 -0.65 4.67 32.38
N ASN B 127 -1.32 5.26 31.43
CA ASN B 127 -2.61 5.90 31.68
C ASN B 127 -3.79 5.12 31.12
N ALA B 128 -3.53 3.90 30.67
CA ALA B 128 -4.53 3.16 29.92
C ALA B 128 -5.24 2.07 30.71
N THR B 129 -6.54 1.90 30.48
CA THR B 129 -7.19 0.66 30.92
C THR B 129 -7.51 -0.25 29.73
N VAL B 130 -7.30 -1.53 29.95
CA VAL B 130 -7.39 -2.55 28.91
C VAL B 130 -8.75 -3.24 28.95
N TYR B 131 -9.38 -3.39 27.79
CA TYR B 131 -10.62 -4.15 27.71
C TYR B 131 -10.48 -5.36 26.79
N VAL B 132 -11.06 -6.49 27.20
CA VAL B 132 -11.10 -7.69 26.38
C VAL B 132 -12.43 -8.38 26.70
N SER B 133 -12.93 -9.23 25.80
CA SER B 133 -14.23 -9.87 26.07
C SER B 133 -14.15 -10.79 27.28
N ASN B 134 -15.26 -10.99 27.98
CA ASN B 134 -15.22 -11.87 29.14
C ASN B 134 -15.00 -13.31 28.71
N ASP B 135 -15.63 -13.70 27.60
CA ASP B 135 -15.42 -15.02 27.01
C ASP B 135 -13.93 -15.30 26.76
N GLU B 136 -13.24 -14.31 26.21
CA GLU B 136 -11.81 -14.46 25.92
C GLU B 136 -10.99 -14.63 27.19
N ALA B 137 -11.22 -13.76 28.18
CA ALA B 137 -10.49 -13.83 29.44
C ALA B 137 -10.76 -15.14 30.16
N SER B 138 -11.98 -15.56 30.12
CA SER B 138 -12.37 -16.77 30.73
C SER B 138 -11.68 -17.94 30.17
N PHE B 139 -11.54 -17.98 28.86
CA PHE B 139 -10.87 -19.09 28.19
C PHE B 139 -9.40 -19.18 28.53
N TRP B 140 -8.72 -18.04 28.58
CA TRP B 140 -7.27 -18.04 28.82
C TRP B 140 -6.87 -18.02 30.30
N LEU B 141 -7.74 -17.52 31.15
CA LEU B 141 -7.39 -17.30 32.54
C LEU B 141 -7.97 -18.28 33.59
N ASP B 142 -8.70 -19.30 33.15
CA ASP B 142 -9.23 -20.35 33.98
C ASP B 142 -8.28 -21.54 33.98
N PRO B 143 -7.51 -21.69 35.04
CA PRO B 143 -6.39 -22.64 35.10
C PRO B 143 -6.78 -24.11 35.13
N LYS B 144 -7.97 -24.42 34.64
CA LYS B 144 -8.40 -25.80 34.49
C LYS B 144 -8.35 -26.17 33.02
N GLN B 145 -8.83 -25.24 32.19
CA GLN B 145 -9.08 -25.46 30.76
C GLN B 145 -7.95 -26.11 29.96
N ALA B 146 -6.74 -26.01 30.44
CA ALA B 146 -5.63 -26.54 29.74
C ALA B 146 -5.85 -27.99 29.44
N ALA B 147 -6.57 -28.67 30.32
CA ALA B 147 -6.83 -30.11 30.22
C ALA B 147 -7.96 -30.51 29.28
N LYS B 148 -8.70 -29.53 28.75
CA LYS B 148 -9.82 -29.83 27.87
C LYS B 148 -9.45 -29.70 26.40
N LEU B 149 -8.25 -29.19 26.13
CA LEU B 149 -7.72 -29.16 24.77
C LEU B 149 -7.05 -30.50 24.50
N PRO B 150 -6.98 -30.90 23.22
CA PRO B 150 -6.23 -32.10 22.84
C PRO B 150 -4.79 -32.05 23.38
N LYS B 151 -4.26 -33.21 23.79
CA LYS B 151 -2.94 -33.28 24.43
C LYS B 151 -1.84 -32.53 23.71
N GLU B 152 -1.82 -32.62 22.38
CA GLU B 152 -0.77 -31.98 21.59
C GLU B 152 -0.93 -30.45 21.57
N LYS B 153 -2.09 -29.96 21.97
CA LYS B 153 -2.35 -28.51 22.04
C LYS B 153 -2.15 -27.87 23.43
N GLN B 154 -2.09 -28.70 24.44
CA GLN B 154 -2.05 -28.19 25.81
C GLN B 154 -0.78 -27.39 26.10
N ALA B 155 0.37 -27.90 25.65
CA ALA B 155 1.65 -27.25 25.94
C ALA B 155 1.72 -25.83 25.40
N ASN B 156 1.18 -25.61 24.20
CA ASN B 156 1.10 -24.27 23.66
C ASN B 156 0.18 -23.38 24.48
N TYR B 157 -0.98 -23.90 24.87
CA TYR B 157 -1.94 -23.14 25.68
C TYR B 157 -1.31 -22.62 26.98
N LEU B 158 -0.76 -23.55 27.78
CA LEU B 158 -0.06 -23.19 29.01
C LEU B 158 1.03 -22.16 28.72
N GLY B 159 1.78 -22.39 27.64
CA GLY B 159 2.80 -21.47 27.20
C GLY B 159 2.30 -20.06 26.96
N THR B 160 1.22 -19.92 26.20
CA THR B 160 0.71 -18.57 25.93
C THR B 160 -0.01 -17.97 27.13
N VAL B 161 -0.59 -18.81 27.98
CA VAL B 161 -1.24 -18.29 29.20
C VAL B 161 -0.23 -17.49 30.02
N GLU B 162 0.97 -17.99 30.12
CA GLU B 162 1.97 -17.34 30.91
C GLU B 162 2.44 -16.00 30.31
N LYS B 163 2.50 -15.88 29.01
CA LYS B 163 2.79 -14.61 28.34
C LYS B 163 1.64 -13.63 28.58
N ILE B 164 0.41 -14.12 28.45
CA ILE B 164 -0.75 -13.27 28.65
C ILE B 164 -0.73 -12.73 30.07
N LYS B 165 -0.55 -13.62 31.04
CA LYS B 165 -0.49 -13.21 32.44
C LYS B 165 0.62 -12.18 32.71
N GLN B 166 1.81 -12.39 32.19
CA GLN B 166 2.91 -11.44 32.33
C GLN B 166 2.56 -10.07 31.80
N ALA B 167 1.88 -10.05 30.69
CA ALA B 167 1.59 -8.77 30.05
C ALA B 167 0.47 -8.01 30.75
N ILE B 168 -0.56 -8.73 31.22
CA ILE B 168 -1.72 -8.07 31.81
C ILE B 168 -1.56 -7.78 33.31
N ALA B 169 -0.62 -8.43 33.97
CA ALA B 169 -0.38 -8.23 35.41
C ALA B 169 -0.31 -6.76 35.88
N PRO B 170 0.54 -5.93 35.26
CA PRO B 170 0.65 -4.56 35.77
C PRO B 170 -0.59 -3.72 35.51
N TYR B 171 -1.49 -4.18 34.66
CA TYR B 171 -2.76 -3.48 34.48
C TYR B 171 -3.78 -3.97 35.52
N GLN B 172 -3.76 -5.28 35.81
CA GLN B 172 -4.64 -5.84 36.82
C GLN B 172 -4.36 -5.18 38.17
N ALA B 173 -3.09 -4.88 38.43
CA ALA B 173 -2.69 -4.31 39.70
C ALA B 173 -3.18 -2.89 39.91
N LYS B 174 -3.57 -2.22 38.82
CA LYS B 174 -4.10 -0.87 38.95
C LYS B 174 -5.60 -0.84 38.77
N GLN B 175 -6.22 -2.01 38.81
CA GLN B 175 -7.66 -2.17 38.52
C GLN B 175 -7.99 -1.74 37.10
N ARG B 176 -7.07 -1.98 36.16
CA ARG B 176 -7.25 -1.48 34.80
C ARG B 176 -7.24 -2.58 33.73
N PHE B 177 -7.60 -3.80 34.13
CA PHE B 177 -7.88 -4.86 33.17
C PHE B 177 -9.35 -5.22 33.31
N LYS B 178 -10.17 -4.75 32.36
CA LYS B 178 -11.61 -4.94 32.45
C LYS B 178 -12.09 -5.91 31.37
N THR B 179 -13.22 -6.57 31.63
CA THR B 179 -13.89 -7.37 30.59
C THR B 179 -15.26 -6.79 30.28
N TYR B 180 -15.79 -7.17 29.12
CA TYR B 180 -17.10 -6.70 28.72
C TYR B 180 -17.91 -7.87 28.18
N LYS B 181 -19.20 -7.63 27.97
CA LYS B 181 -20.02 -8.63 27.33
C LYS B 181 -20.74 -8.02 26.13
N LEU B 182 -21.24 -8.89 25.26
CA LEU B 182 -22.08 -8.50 24.12
C LEU B 182 -23.09 -7.41 24.46
N GLY B 183 -23.19 -6.40 23.59
CA GLY B 183 -24.09 -5.29 23.84
C GLY B 183 -23.44 -4.11 24.54
N ASP B 184 -22.31 -4.35 25.20
CA ASP B 184 -21.56 -3.27 25.84
C ASP B 184 -20.88 -2.45 24.77
N ASP B 185 -20.64 -1.18 25.07
CA ASP B 185 -19.81 -0.36 24.20
C ASP B 185 -18.68 0.20 25.05
N ILE B 186 -17.57 0.54 24.42
CA ILE B 186 -16.43 1.11 25.12
C ILE B 186 -15.89 2.30 24.34
N GLN B 187 -15.92 3.49 24.97
CA GLN B 187 -15.53 4.74 24.30
C GLN B 187 -16.29 4.93 22.99
N GLY B 188 -17.53 4.47 22.94
CA GLY B 188 -18.33 4.60 21.74
C GLY B 188 -18.04 3.57 20.66
N PHE B 189 -17.14 2.63 20.94
CA PHE B 189 -16.92 1.52 20.01
C PHE B 189 -17.94 0.42 20.30
N LYS B 190 -18.59 -0.11 19.29
CA LYS B 190 -19.44 -1.26 19.45
C LYS B 190 -18.63 -2.53 19.40
N VAL B 191 -18.99 -3.51 20.20
CA VAL B 191 -18.29 -4.79 20.16
C VAL B 191 -19.08 -5.77 19.29
N ILE B 192 -18.38 -6.57 18.50
CA ILE B 192 -19.02 -7.56 17.64
C ILE B 192 -18.42 -8.93 17.95
N ASN B 193 -19.25 -9.90 18.33
CA ASN B 193 -18.74 -11.25 18.55
C ASN B 193 -18.30 -11.90 17.24
N THR B 194 -17.02 -12.25 17.16
CA THR B 194 -16.46 -12.92 15.98
C THR B 194 -15.65 -14.15 16.40
N ALA B 195 -16.28 -14.96 17.25
CA ALA B 195 -15.62 -16.12 17.85
C ALA B 195 -15.26 -17.20 16.84
N GLY B 196 -14.24 -17.97 17.18
CA GLY B 196 -13.82 -19.10 16.37
C GLY B 196 -12.32 -19.23 16.37
N HIS B 197 -11.65 -18.19 15.92
CA HIS B 197 -10.19 -18.13 15.94
C HIS B 197 -9.72 -18.32 17.38
N THR B 198 -10.35 -17.61 18.31
CA THR B 198 -10.29 -17.94 19.73
C THR B 198 -11.72 -17.91 20.24
N PRO B 199 -12.00 -18.57 21.38
CA PRO B 199 -13.37 -18.67 21.90
C PRO B 199 -14.05 -17.33 22.20
N GLY B 200 -13.29 -16.29 22.54
CA GLY B 200 -13.87 -15.00 22.86
C GLY B 200 -13.40 -13.89 21.94
N HIS B 201 -13.04 -14.25 20.71
CA HIS B 201 -12.57 -13.26 19.73
C HIS B 201 -13.67 -12.28 19.35
N PHE B 202 -13.39 -10.99 19.52
CA PHE B 202 -14.34 -9.94 19.16
C PHE B 202 -13.73 -8.93 18.19
N SER B 203 -14.58 -8.32 17.37
CA SER B 203 -14.15 -7.21 16.53
C SER B 203 -14.78 -5.93 17.07
N TYR B 204 -14.21 -4.77 16.71
CA TYR B 204 -14.70 -3.48 17.19
C TYR B 204 -15.10 -2.57 16.03
N GLU B 205 -16.26 -1.92 16.14
CA GLU B 205 -16.72 -1.01 15.09
C GLU B 205 -16.94 0.40 15.62
N LEU B 206 -16.52 1.39 14.84
CA LEU B 206 -16.69 2.80 15.16
C LEU B 206 -17.50 3.42 14.04
N LYS B 207 -18.57 4.09 14.38
CA LYS B 207 -19.30 4.87 13.41
C LYS B 207 -18.83 6.31 13.48
N THR B 208 -18.23 6.79 12.41
CA THR B 208 -17.92 8.21 12.32
C THR B 208 -19.02 8.84 11.47
N LYS B 209 -18.96 10.15 11.30
CA LYS B 209 -19.89 10.81 10.41
C LYS B 209 -19.54 10.48 8.95
N GLY B 210 -20.40 9.70 8.31
CA GLY B 210 -20.18 9.31 6.93
C GLY B 210 -19.41 8.03 6.68
N GLU B 211 -18.97 7.34 7.73
CA GLU B 211 -18.10 6.19 7.54
C GLU B 211 -18.11 5.25 8.73
N SER B 212 -18.27 3.96 8.48
CA SER B 212 -18.12 2.96 9.52
C SER B 212 -16.80 2.21 9.36
N ILE B 213 -16.09 2.04 10.47
CA ILE B 213 -14.80 1.33 10.42
C ILE B 213 -14.84 0.12 11.34
N VAL B 214 -14.52 -1.05 10.79
CA VAL B 214 -14.48 -2.25 11.63
C VAL B 214 -13.06 -2.71 11.83
N PHE B 215 -12.67 -2.84 13.09
CA PHE B 215 -11.37 -3.39 13.43
C PHE B 215 -11.58 -4.88 13.63
N ILE B 216 -11.25 -5.66 12.61
CA ILE B 216 -11.80 -7.01 12.51
C ILE B 216 -11.04 -8.05 13.31
N GLY B 217 -9.80 -7.73 13.70
CA GLY B 217 -8.98 -8.70 14.40
C GLY B 217 -8.58 -9.84 13.50
N ASP B 218 -8.50 -11.04 14.08
CA ASP B 218 -7.97 -12.20 13.35
C ASP B 218 -9.02 -13.09 12.67
N ILE B 219 -10.02 -12.50 12.03
CA ILE B 219 -10.95 -13.34 11.27
C ILE B 219 -10.35 -13.70 9.91
N VAL B 220 -9.13 -13.23 9.65
CA VAL B 220 -8.44 -13.53 8.40
C VAL B 220 -6.94 -13.32 8.57
N HIS B 221 -6.14 -14.12 7.86
CA HIS B 221 -4.69 -14.04 7.96
C HIS B 221 -3.98 -13.82 6.63
N SER B 222 -4.74 -13.47 5.58
CA SER B 222 -4.15 -13.32 4.24
C SER B 222 -5.08 -12.52 3.34
N HIS B 223 -4.50 -11.74 2.43
CA HIS B 223 -5.30 -11.01 1.44
C HIS B 223 -5.42 -11.86 0.19
N THR B 224 -4.83 -13.05 0.24
CA THR B 224 -4.70 -13.90 -0.94
C THR B 224 -5.64 -15.11 -0.87
N VAL B 225 -5.14 -16.21 -0.31
CA VAL B 225 -5.87 -17.48 -0.24
C VAL B 225 -7.27 -17.31 0.36
N GLN B 226 -7.37 -16.61 1.49
CA GLN B 226 -8.62 -16.51 2.22
C GLN B 226 -9.58 -15.45 1.74
N PHE B 227 -9.21 -14.75 0.66
CA PHE B 227 -10.17 -13.89 -0.03
C PHE B 227 -10.70 -14.62 -1.27
N ASP B 228 -9.81 -15.17 -2.08
CA ASP B 228 -10.20 -15.95 -3.25
C ASP B 228 -10.92 -17.23 -2.84
N ARG B 229 -10.51 -17.81 -1.72
CA ARG B 229 -11.13 -18.99 -1.13
C ARG B 229 -11.44 -18.78 0.34
N PRO B 230 -12.53 -18.08 0.60
CA PRO B 230 -12.78 -17.59 1.95
C PRO B 230 -13.13 -18.69 2.93
N GLU B 231 -13.41 -19.88 2.43
CA GLU B 231 -13.72 -21.02 3.31
C GLU B 231 -12.46 -21.68 3.89
N THR B 232 -11.28 -21.20 3.48
CA THR B 232 -10.02 -21.77 3.92
C THR B 232 -9.68 -21.39 5.37
N ALA B 233 -9.70 -22.36 6.27
CA ALA B 233 -9.29 -22.13 7.65
C ALA B 233 -7.77 -22.05 7.74
N ILE B 234 -7.28 -21.59 8.87
CA ILE B 234 -5.83 -21.57 9.11
C ILE B 234 -5.50 -22.32 10.39
N GLU B 235 -4.30 -22.88 10.47
CA GLU B 235 -3.94 -23.77 11.55
C GLU B 235 -3.95 -23.03 12.91
N TYR B 236 -3.79 -21.70 12.88
CA TYR B 236 -3.84 -20.89 14.10
C TYR B 236 -5.21 -20.81 14.79
N ASP B 237 -6.29 -21.06 14.03
CA ASP B 237 -7.65 -21.00 14.60
C ASP B 237 -7.82 -22.12 15.64
N ILE B 238 -8.37 -21.79 16.80
CA ILE B 238 -8.64 -22.81 17.82
C ILE B 238 -9.86 -23.66 17.42
N ASP B 239 -10.86 -23.02 16.86
CA ASP B 239 -12.01 -23.72 16.28
C ASP B 239 -12.14 -23.28 14.83
N PRO B 240 -11.53 -24.05 13.92
CA PRO B 240 -11.50 -23.69 12.49
C PRO B 240 -12.87 -23.56 11.83
N LYS B 241 -13.78 -24.51 12.04
CA LYS B 241 -15.12 -24.46 11.46
C LYS B 241 -15.83 -23.19 11.87
N LYS B 242 -15.81 -22.90 13.15
CA LYS B 242 -16.43 -21.69 13.65
C LYS B 242 -15.77 -20.43 13.06
N ALA B 243 -14.43 -20.45 13.01
CA ALA B 243 -13.67 -19.32 12.47
C ALA B 243 -14.00 -19.09 11.00
N VAL B 244 -14.16 -20.18 10.26
CA VAL B 244 -14.58 -20.09 8.87
C VAL B 244 -15.99 -19.51 8.79
N GLU B 245 -16.89 -20.02 9.62
CA GLU B 245 -18.27 -19.55 9.64
C GLU B 245 -18.33 -18.05 9.93
N THR B 246 -17.49 -17.60 10.87
CA THR B 246 -17.42 -16.18 11.23
C THR B 246 -16.90 -15.32 10.08
N ARG B 247 -15.83 -15.73 9.43
CA ARG B 247 -15.28 -14.98 8.33
C ARG B 247 -16.31 -14.80 7.18
N LEU B 248 -16.97 -15.88 6.84
CA LEU B 248 -17.93 -15.88 5.79
C LEU B 248 -19.04 -14.91 6.05
N LYS B 249 -19.55 -14.93 7.26
CA LYS B 249 -20.60 -14.00 7.64
C LYS B 249 -20.14 -12.55 7.55
N GLN B 250 -18.95 -12.27 8.09
CA GLN B 250 -18.48 -10.89 8.14
C GLN B 250 -18.11 -10.35 6.76
N PHE B 251 -17.47 -11.19 5.95
CA PHE B 251 -17.06 -10.75 4.62
C PHE B 251 -18.28 -10.46 3.76
N ALA B 252 -19.35 -11.21 3.97
CA ALA B 252 -20.58 -10.97 3.19
C ALA B 252 -21.14 -9.62 3.60
N ASN B 253 -21.14 -9.34 4.90
CA ASN B 253 -21.55 -8.03 5.37
C ASN B 253 -20.71 -6.90 4.77
N PHE B 254 -19.39 -7.03 4.86
CA PHE B 254 -18.46 -6.01 4.38
C PHE B 254 -18.64 -5.74 2.89
N ALA B 255 -18.83 -6.82 2.12
CA ALA B 255 -18.97 -6.69 0.67
C ALA B 255 -20.25 -5.96 0.33
N LYS B 256 -21.30 -6.24 1.11
CA LYS B 256 -22.61 -5.65 0.90
C LYS B 256 -22.64 -4.19 1.35
N ASN B 257 -22.12 -3.94 2.56
CA ASN B 257 -22.33 -2.65 3.22
C ASN B 257 -21.13 -1.71 3.19
N GLY B 258 -20.00 -2.22 2.69
CA GLY B 258 -18.87 -1.36 2.38
C GLY B 258 -18.10 -0.76 3.54
N GLN B 259 -18.18 -1.34 4.73
CA GLN B 259 -17.37 -0.86 5.84
C GLN B 259 -15.88 -0.83 5.50
N THR B 260 -15.21 0.19 5.99
CA THR B 260 -13.79 0.30 6.00
C THR B 260 -13.25 -0.73 6.98
N ILE B 261 -12.20 -1.43 6.63
CA ILE B 261 -11.66 -2.50 7.42
C ILE B 261 -10.24 -2.23 7.91
N ALA B 262 -9.98 -2.54 9.19
CA ALA B 262 -8.63 -2.40 9.73
C ALA B 262 -8.23 -3.73 10.34
N ALA B 263 -7.29 -4.41 9.72
CA ALA B 263 -6.95 -5.78 10.11
C ALA B 263 -5.51 -5.92 10.51
N PRO B 264 -5.27 -6.65 11.61
CA PRO B 264 -3.90 -6.87 12.09
C PRO B 264 -3.06 -7.78 11.20
N HIS B 265 -3.67 -8.58 10.33
CA HIS B 265 -2.88 -9.50 9.51
C HIS B 265 -3.13 -9.37 8.01
N LEU B 266 -3.61 -8.19 7.60
CA LEU B 266 -3.62 -7.86 6.18
C LEU B 266 -2.42 -6.94 5.93
N PRO B 267 -1.93 -6.88 4.66
CA PRO B 267 -0.70 -6.17 4.36
C PRO B 267 -0.72 -4.73 4.88
N PHE B 268 0.24 -4.37 5.74
CA PHE B 268 0.33 -3.02 6.29
C PHE B 268 0.12 -1.93 5.23
N PRO B 269 -0.69 -0.90 5.54
CA PRO B 269 -1.28 -0.57 6.84
C PRO B 269 -2.53 -1.38 7.24
N GLY B 270 -2.94 -2.37 6.46
CA GLY B 270 -4.02 -3.26 6.89
C GLY B 270 -5.38 -2.60 6.84
N ILE B 271 -5.47 -1.49 6.10
CA ILE B 271 -6.74 -0.76 5.96
C ILE B 271 -7.24 -0.81 4.51
N GLY B 272 -8.52 -1.07 4.34
CA GLY B 272 -9.11 -1.19 3.02
C GLY B 272 -10.57 -1.59 3.06
N HIS B 273 -11.07 -2.16 1.99
CA HIS B 273 -12.44 -2.60 1.85
C HIS B 273 -12.52 -3.95 1.17
N THR B 274 -13.66 -4.60 1.28
CA THR B 274 -13.87 -5.90 0.71
C THR B 274 -14.83 -5.81 -0.46
N TYR B 275 -14.49 -6.41 -1.59
CA TYR B 275 -15.35 -6.44 -2.77
C TYR B 275 -15.70 -7.89 -3.06
N SER B 276 -16.87 -8.11 -3.65
CA SER B 276 -17.19 -9.44 -4.17
C SER B 276 -18.07 -9.30 -5.42
N ALA B 277 -17.77 -10.09 -6.44
CA ALA B 277 -18.53 -10.04 -7.67
C ALA B 277 -19.71 -11.00 -7.64
N ASP B 278 -19.67 -12.01 -6.79
CA ASP B 278 -20.63 -13.11 -6.90
C ASP B 278 -21.06 -13.66 -5.56
N GLY B 279 -20.62 -13.02 -4.48
CA GLY B 279 -20.92 -13.51 -3.15
C GLY B 279 -20.23 -14.82 -2.83
N LYS B 280 -19.28 -15.21 -3.65
CA LYS B 280 -18.59 -16.47 -3.51
C LYS B 280 -17.10 -16.27 -3.18
N SER B 281 -16.43 -15.43 -3.93
CA SER B 281 -15.05 -15.10 -3.64
C SER B 281 -14.97 -13.61 -3.30
N TYR B 282 -13.93 -13.22 -2.57
CA TYR B 282 -13.79 -11.82 -2.16
C TYR B 282 -12.46 -11.27 -2.62
N GLN B 283 -12.35 -9.93 -2.65
CA GLN B 283 -11.11 -9.28 -3.05
C GLN B 283 -10.77 -8.19 -2.04
N TRP B 284 -9.51 -8.13 -1.63
CA TRP B 284 -9.09 -7.11 -0.68
C TRP B 284 -8.68 -5.90 -1.48
N ILE B 285 -9.36 -4.78 -1.22
CA ILE B 285 -9.05 -3.52 -1.87
C ILE B 285 -8.34 -2.60 -0.87
N PRO B 286 -7.01 -2.52 -0.96
CA PRO B 286 -6.34 -1.65 0.02
C PRO B 286 -6.65 -0.18 -0.24
N ILE B 287 -6.60 0.64 0.82
CA ILE B 287 -6.74 2.08 0.64
C ILE B 287 -5.59 2.67 -0.20
N HIS B 288 -5.87 3.84 -0.77
CA HIS B 288 -4.96 4.55 -1.65
C HIS B 288 -4.26 5.63 -0.81
N PHE B 289 -2.95 5.58 -0.70
CA PHE B 289 -2.15 6.55 0.07
C PHE B 289 -2.55 8.02 -0.17
N LYS B 290 -2.80 8.73 0.89
CA LYS B 290 -3.14 10.11 0.86
C LYS B 290 -2.11 10.89 1.62
N ASP B 291 -1.40 11.72 0.89
CA ASP B 291 -0.61 12.70 1.54
C ASP B 291 -1.58 13.79 1.92
#